data_3TV4
#
_entry.id   3TV4
#
_cell.length_a   107.966
_cell.length_b   107.966
_cell.length_c   153.142
_cell.angle_alpha   90.00
_cell.angle_beta   90.00
_cell.angle_gamma   90.00
#
_symmetry.space_group_name_H-M   'P 41 21 2'
#
loop_
_entity.id
_entity.type
_entity.pdbx_description
1 polymer 'Serine/threonine-protein kinase B-raf'
2 non-polymer N-(6-amino-5-bromopyridin-3-yl)-2,6-difluoro-3-[(propylsulfonyl)amino]benzamide
#
_entity_poly.entity_id   1
_entity_poly.type   'polypeptide(L)'
_entity_poly.pdbx_seq_one_letter_code
;MDRGSHHHHHHGSEDRNRMKTLGRRDSSDDWEIPDGQITVGQRIGSGSFGTVYKGKWHGDVAVKMLNVTAPTPQQLQAFK
NEVGVLRKTRHVNILLFMGYSTKPQLAIVTQWCEGSSLYHHLHIIETKFEMIKLIDIARQTAQGMDYLHAKSIIHRDLKS
NNIFLHEDLTVKIGDFGLATVKSRWSGSHQFEQLSGSILWMAPEVIRMQDKNPYSFQSDVYAFGIVLYELMTGQLPYSNI
NNRDQIIFMVGRGYLSPDLSKVRSNCPKAMKRLMAECLKKKRDERPLFPQILASIELLARSLPKIHR
;
_entity_poly.pdbx_strand_id   A,B
#
# COMPACT_ATOMS: atom_id res chain seq x y z
N ASP A 29 -5.79 -17.85 7.72
CA ASP A 29 -6.17 -16.57 8.37
C ASP A 29 -4.98 -15.87 9.07
N ASP A 30 -4.57 -16.41 10.22
CA ASP A 30 -3.69 -15.65 11.13
C ASP A 30 -2.28 -15.24 10.64
N TRP A 31 -2.04 -13.94 10.80
CA TRP A 31 -0.86 -13.23 10.36
C TRP A 31 0.38 -13.50 11.19
N GLU A 32 0.40 -14.60 11.93
CA GLU A 32 1.55 -14.88 12.77
C GLU A 32 2.74 -15.28 11.92
N ILE A 33 3.90 -14.75 12.28
CA ILE A 33 5.11 -15.01 11.53
C ILE A 33 6.07 -15.82 12.40
N PRO A 34 6.17 -17.14 12.11
CA PRO A 34 7.01 -18.08 12.86
C PRO A 34 8.46 -17.67 12.99
N ASP A 35 9.11 -18.21 14.00
CA ASP A 35 10.52 -17.96 14.29
C ASP A 35 11.38 -18.21 13.06
N GLY A 36 12.51 -17.50 12.96
CA GLY A 36 13.47 -17.69 11.87
C GLY A 36 13.06 -17.10 10.53
N GLN A 37 11.76 -16.85 10.36
CA GLN A 37 11.21 -16.24 9.14
C GLN A 37 11.53 -14.76 9.01
N ILE A 38 12.00 -14.14 10.09
CA ILE A 38 12.42 -12.75 10.04
C ILE A 38 13.90 -12.65 10.37
N THR A 39 14.55 -11.63 9.81
CA THR A 39 15.97 -11.42 10.02
C THR A 39 16.20 -9.96 10.39
N VAL A 40 16.38 -9.71 11.69
CA VAL A 40 16.47 -8.36 12.25
C VAL A 40 17.82 -7.72 11.99
N GLY A 41 17.81 -6.46 11.56
CA GLY A 41 19.02 -5.69 11.28
C GLY A 41 19.24 -4.53 12.22
N GLN A 42 19.77 -3.42 11.69
CA GLN A 42 20.14 -2.25 12.47
C GLN A 42 18.98 -1.70 13.32
N ARG A 43 19.33 -1.02 14.41
CA ARG A 43 18.37 -0.58 15.43
C ARG A 43 17.95 0.87 15.21
N ILE A 44 16.69 1.19 15.48
CA ILE A 44 16.20 2.55 15.26
C ILE A 44 15.56 3.29 16.44
N GLY A 45 14.47 2.76 16.98
CA GLY A 45 13.65 3.47 17.97
C GLY A 45 13.89 3.10 19.43
N SER A 46 13.11 3.70 20.34
CA SER A 46 13.24 3.46 21.78
C SER A 46 11.94 3.67 22.54
N PHE A 49 7.96 1.94 25.23
CA PHE A 49 6.70 1.68 24.51
C PHE A 49 6.89 0.70 23.33
N GLY A 50 8.10 0.16 23.20
CA GLY A 50 8.46 -0.72 22.09
C GLY A 50 9.59 -0.13 21.26
N THR A 51 10.63 -0.92 21.05
CA THR A 51 11.83 -0.53 20.30
C THR A 51 11.80 -1.03 18.84
N VAL A 52 12.11 -0.12 17.92
CA VAL A 52 11.92 -0.36 16.48
C VAL A 52 13.21 -0.84 15.77
N TYR A 53 13.11 -1.95 15.06
CA TYR A 53 14.21 -2.53 14.28
C TYR A 53 13.84 -2.68 12.80
N LYS A 54 14.79 -2.38 11.91
CA LYS A 54 14.63 -2.67 10.48
C LYS A 54 15.02 -4.13 10.24
N GLY A 55 14.32 -4.78 9.31
CA GLY A 55 14.57 -6.18 9.02
C GLY A 55 14.19 -6.60 7.62
N LYS A 56 14.19 -7.91 7.39
CA LYS A 56 13.83 -8.48 6.09
C LYS A 56 12.84 -9.63 6.27
N TRP A 57 11.67 -9.47 5.64
CA TRP A 57 10.63 -10.50 5.57
C TRP A 57 9.87 -10.21 4.26
N HIS A 58 10.27 -10.91 3.20
CA HIS A 58 9.84 -10.60 1.83
C HIS A 58 10.20 -9.16 1.49
N GLY A 59 11.47 -8.83 1.72
CA GLY A 59 12.00 -7.50 1.47
C GLY A 59 12.20 -6.74 2.77
N ASP A 60 12.62 -5.49 2.65
CA ASP A 60 12.81 -4.62 3.79
C ASP A 60 11.49 -4.36 4.50
N VAL A 61 11.51 -4.55 5.82
CA VAL A 61 10.35 -4.36 6.67
C VAL A 61 10.74 -3.67 7.97
N ALA A 62 9.77 -3.01 8.58
CA ALA A 62 9.93 -2.46 9.90
C ALA A 62 9.37 -3.45 10.90
N VAL A 63 10.10 -3.64 11.99
CA VAL A 63 9.66 -4.45 13.11
C VAL A 63 9.73 -3.66 14.41
N LYS A 64 8.61 -3.57 15.10
CA LYS A 64 8.61 -3.02 16.44
C LYS A 64 8.44 -4.17 17.43
N MET A 65 9.56 -4.65 17.96
CA MET A 65 9.55 -5.64 19.03
C MET A 65 9.16 -4.96 20.34
N LEU A 66 8.09 -5.46 20.97
CA LEU A 66 7.61 -4.90 22.24
C LEU A 66 8.63 -5.00 23.38
N ASN A 67 9.70 -5.77 23.14
CA ASN A 67 10.77 -6.08 24.11
C ASN A 67 10.44 -6.02 25.64
N VAL A 68 9.20 -6.41 25.96
CA VAL A 68 8.87 -6.91 27.29
C VAL A 68 9.67 -8.22 27.44
N THR A 69 9.62 -8.86 28.60
CA THR A 69 10.51 -10.01 28.82
C THR A 69 9.91 -11.36 28.43
N ALA A 70 8.75 -11.72 29.00
CA ALA A 70 8.02 -12.94 28.65
C ALA A 70 6.63 -12.94 29.25
N PRO A 71 5.69 -12.27 28.57
CA PRO A 71 4.27 -12.09 28.95
C PRO A 71 3.48 -13.40 29.14
N THR A 72 2.70 -13.44 30.23
CA THR A 72 1.98 -14.65 30.64
C THR A 72 0.56 -14.70 30.04
N PRO A 73 0.20 -15.86 29.43
CA PRO A 73 -1.05 -16.25 28.74
C PRO A 73 -2.25 -15.30 28.65
N GLN A 74 -2.48 -14.47 29.66
CA GLN A 74 -3.57 -13.51 29.52
C GLN A 74 -3.08 -12.12 29.10
N GLN A 75 -1.76 -11.95 29.12
CA GLN A 75 -1.12 -10.84 28.43
C GLN A 75 -1.12 -11.15 26.93
N LEU A 76 -0.58 -12.31 26.57
CA LEU A 76 -0.63 -12.83 25.20
C LEU A 76 -1.95 -12.53 24.49
N GLN A 77 -3.09 -12.85 25.12
CA GLN A 77 -4.41 -12.66 24.53
C GLN A 77 -4.77 -11.20 24.21
N ALA A 78 -4.35 -10.26 25.06
CA ALA A 78 -4.69 -8.84 24.84
C ALA A 78 -3.86 -8.21 23.71
N PHE A 79 -2.70 -8.80 23.45
CA PHE A 79 -1.82 -8.40 22.34
C PHE A 79 -2.47 -8.77 21.02
N LYS A 80 -2.76 -10.07 20.87
CA LYS A 80 -3.58 -10.58 19.79
C LYS A 80 -4.88 -9.76 19.62
N ASN A 81 -5.41 -9.24 20.72
CA ASN A 81 -6.59 -8.38 20.68
C ASN A 81 -6.33 -7.07 19.95
N GLU A 82 -5.14 -6.51 20.17
CA GLU A 82 -4.74 -5.22 19.59
C GLU A 82 -4.38 -5.38 18.12
N VAL A 83 -3.64 -6.45 17.82
CA VAL A 83 -3.38 -6.83 16.44
C VAL A 83 -4.67 -6.81 15.63
N GLY A 84 -5.70 -7.48 16.15
CA GLY A 84 -7.02 -7.51 15.49
C GLY A 84 -7.57 -6.15 15.11
N VAL A 85 -7.10 -5.11 15.78
CA VAL A 85 -7.54 -3.76 15.46
C VAL A 85 -6.76 -3.23 14.26
N LEU A 86 -5.52 -3.69 14.14
CA LEU A 86 -4.70 -3.37 12.97
C LEU A 86 -5.24 -4.02 11.69
N ARG A 87 -5.41 -5.34 11.69
CA ARG A 87 -5.95 -6.01 10.51
C ARG A 87 -7.23 -5.37 9.96
N LYS A 88 -7.89 -4.54 10.77
CA LYS A 88 -9.08 -3.77 10.34
C LYS A 88 -8.73 -2.65 9.36
N THR A 89 -7.44 -2.52 9.04
CA THR A 89 -6.93 -1.35 8.35
C THR A 89 -6.31 -1.64 7.00
N ARG A 90 -6.86 -0.98 5.99
CA ARG A 90 -6.38 -1.09 4.62
C ARG A 90 -6.64 0.23 3.92
N HIS A 91 -5.59 1.05 3.84
CA HIS A 91 -5.66 2.40 3.30
C HIS A 91 -4.26 2.95 3.08
N VAL A 92 -4.08 3.67 1.98
CA VAL A 92 -2.76 4.09 1.53
C VAL A 92 -2.09 5.04 2.52
N ASN A 93 -2.91 5.83 3.22
CA ASN A 93 -2.41 6.77 4.20
C ASN A 93 -2.17 6.17 5.56
N ILE A 94 -2.35 4.85 5.67
CA ILE A 94 -2.19 4.15 6.93
C ILE A 94 -1.04 3.18 6.79
N LEU A 95 -0.03 3.31 7.66
CA LEU A 95 1.09 2.37 7.67
C LEU A 95 0.59 0.94 7.47
N LEU A 96 1.26 0.21 6.58
CA LEU A 96 0.78 -1.10 6.20
C LEU A 96 1.10 -2.15 7.24
N PHE A 97 0.07 -2.60 7.96
CA PHE A 97 0.26 -3.69 8.89
C PHE A 97 0.51 -4.97 8.12
N MET A 98 1.69 -5.52 8.28
CA MET A 98 2.10 -6.69 7.50
C MET A 98 2.17 -8.01 8.28
N GLY A 99 1.94 -7.96 9.58
CA GLY A 99 1.98 -9.18 10.41
C GLY A 99 2.59 -8.98 11.78
N TYR A 100 2.31 -9.93 12.69
CA TYR A 100 2.81 -9.88 14.07
C TYR A 100 3.64 -11.12 14.40
N SER A 101 4.46 -11.00 15.44
CA SER A 101 5.24 -12.11 15.97
C SER A 101 4.98 -12.35 17.46
N THR A 102 5.05 -13.62 17.83
CA THR A 102 4.96 -14.05 19.23
C THR A 102 6.29 -14.64 19.68
N LYS A 103 6.79 -15.63 18.91
CA LYS A 103 7.92 -16.46 19.37
C LYS A 103 9.19 -15.68 19.73
N PRO A 104 10.05 -15.34 18.75
CA PRO A 104 11.33 -14.74 19.22
C PRO A 104 11.08 -13.69 20.32
N GLN A 105 10.08 -12.82 20.07
CA GLN A 105 9.55 -11.85 21.03
C GLN A 105 8.18 -11.47 20.52
N LEU A 106 7.43 -10.71 21.29
CA LEU A 106 6.21 -10.07 20.78
C LEU A 106 6.60 -8.91 19.88
N ALA A 107 5.98 -8.85 18.69
CA ALA A 107 6.33 -7.85 17.67
C ALA A 107 5.18 -7.45 16.72
N ILE A 108 5.32 -6.27 16.12
CA ILE A 108 4.48 -5.88 14.98
C ILE A 108 5.37 -5.44 13.83
N VAL A 109 5.18 -6.10 12.69
CA VAL A 109 5.96 -5.84 11.49
C VAL A 109 5.11 -5.05 10.53
N THR A 110 5.67 -3.95 10.06
CA THR A 110 5.01 -3.17 9.05
C THR A 110 5.87 -3.05 7.80
N GLN A 111 5.41 -2.27 6.84
CA GLN A 111 6.22 -1.89 5.71
C GLN A 111 7.35 -1.01 6.23
N TRP A 112 8.53 -1.16 5.63
CA TRP A 112 9.60 -0.19 5.86
C TRP A 112 9.37 1.02 4.98
N CYS A 113 9.43 2.22 5.55
CA CYS A 113 9.29 3.43 4.75
C CYS A 113 10.65 3.92 4.31
N GLU A 114 10.71 4.35 3.05
CA GLU A 114 11.81 5.18 2.58
C GLU A 114 11.36 6.61 2.73
N GLY A 115 12.15 7.41 3.44
CA GLY A 115 11.78 8.78 3.75
C GLY A 115 12.09 9.11 5.19
N SER A 116 11.45 10.16 5.68
CA SER A 116 11.70 10.65 7.04
C SER A 116 10.40 11.15 7.63
N SER A 117 10.24 11.01 8.94
CA SER A 117 9.02 11.52 9.60
C SER A 117 8.76 12.99 9.32
N LEU A 118 7.50 13.40 9.38
CA LEU A 118 7.11 14.79 9.14
C LEU A 118 7.76 15.72 10.16
N TYR A 119 8.02 15.20 11.34
CA TYR A 119 8.76 15.91 12.36
C TYR A 119 10.15 16.15 11.80
N HIS A 120 10.81 15.09 11.37
CA HIS A 120 12.18 15.19 10.88
C HIS A 120 12.34 16.20 9.74
N HIS A 121 11.41 16.23 8.79
CA HIS A 121 11.50 17.20 7.69
C HIS A 121 11.41 18.62 8.25
N LEU A 122 10.26 18.95 8.83
CA LEU A 122 10.00 20.27 9.40
C LEU A 122 11.01 20.75 10.44
N HIS A 123 11.44 19.87 11.33
CA HIS A 123 12.12 20.29 12.55
C HIS A 123 13.57 19.86 12.73
N ILE A 124 14.06 18.99 11.89
CA ILE A 124 15.46 18.60 12.02
C ILE A 124 16.23 19.09 10.80
N ILE A 125 15.80 18.66 9.62
CA ILE A 125 16.46 19.07 8.40
C ILE A 125 15.73 20.24 7.77
N GLU A 126 14.94 20.93 8.59
CA GLU A 126 14.44 22.26 8.24
C GLU A 126 13.93 22.31 6.81
N THR A 127 13.43 21.17 6.31
CA THR A 127 12.98 21.03 4.93
C THR A 127 11.95 22.09 4.59
N LYS A 128 12.19 22.79 3.48
CA LYS A 128 11.30 23.86 3.06
C LYS A 128 10.36 23.34 1.99
N PHE A 129 9.10 23.16 2.34
CA PHE A 129 8.13 22.65 1.40
C PHE A 129 7.37 23.78 0.78
N GLU A 130 7.06 23.60 -0.50
CA GLU A 130 6.18 24.50 -1.22
C GLU A 130 4.82 24.47 -0.52
N MET A 131 4.21 25.64 -0.34
CA MET A 131 2.91 25.73 0.31
C MET A 131 1.91 24.71 -0.24
N ILE A 132 2.08 24.32 -1.50
CA ILE A 132 1.16 23.41 -2.19
C ILE A 132 1.29 21.99 -1.63
N LYS A 133 2.53 21.57 -1.41
CA LYS A 133 2.85 20.26 -0.88
C LYS A 133 2.51 20.20 0.61
N LEU A 134 2.53 21.35 1.27
CA LEU A 134 2.09 21.41 2.65
C LEU A 134 0.62 21.03 2.69
N ILE A 135 -0.21 21.78 1.97
CA ILE A 135 -1.63 21.45 1.90
C ILE A 135 -1.89 19.98 1.54
N ASP A 136 -1.09 19.38 0.67
CA ASP A 136 -1.35 17.97 0.33
C ASP A 136 -1.09 17.06 1.50
N ILE A 137 0.05 17.24 2.16
CA ILE A 137 0.34 16.49 3.36
C ILE A 137 -0.81 16.61 4.36
N ALA A 138 -1.31 17.83 4.56
CA ALA A 138 -2.46 18.03 5.40
C ALA A 138 -3.57 17.10 4.94
N ARG A 139 -3.94 17.22 3.66
CA ARG A 139 -5.04 16.44 3.07
C ARG A 139 -4.82 14.97 3.31
N GLN A 140 -3.63 14.51 2.99
CA GLN A 140 -3.31 13.10 3.08
C GLN A 140 -3.51 12.63 4.50
N THR A 141 -3.07 13.45 5.44
CA THR A 141 -3.14 13.09 6.84
C THR A 141 -4.57 13.03 7.33
N ALA A 142 -5.33 14.07 7.00
CA ALA A 142 -6.76 14.09 7.29
C ALA A 142 -7.44 12.88 6.62
N GLN A 143 -6.98 12.51 5.43
CA GLN A 143 -7.51 11.35 4.72
C GLN A 143 -7.40 10.13 5.63
N GLY A 144 -6.16 9.79 6.01
CA GLY A 144 -5.89 8.66 6.88
C GLY A 144 -6.73 8.64 8.14
N MET A 145 -6.97 9.81 8.72
CA MET A 145 -7.73 9.90 9.96
C MET A 145 -9.18 9.59 9.73
N ASP A 146 -9.78 10.27 8.76
CA ASP A 146 -11.17 10.06 8.41
C ASP A 146 -11.49 8.58 8.27
N TYR A 147 -10.51 7.83 7.77
CA TYR A 147 -10.57 6.38 7.67
C TYR A 147 -10.65 5.75 9.06
N LEU A 148 -9.56 5.85 9.84
CA LEU A 148 -9.51 5.32 11.20
C LEU A 148 -10.74 5.67 12.04
N HIS A 149 -11.26 6.86 11.85
CA HIS A 149 -12.44 7.28 12.56
C HIS A 149 -13.71 6.54 12.12
N ALA A 150 -13.84 6.30 10.83
CA ALA A 150 -14.98 5.52 10.33
C ALA A 150 -14.80 4.03 10.66
N LYS A 151 -13.55 3.60 10.71
CA LYS A 151 -13.21 2.28 11.22
C LYS A 151 -13.14 2.32 12.74
N SER A 152 -13.79 3.32 13.34
CA SER A 152 -13.95 3.44 14.80
C SER A 152 -12.65 3.25 15.58
N ILE A 153 -11.56 3.78 15.03
CA ILE A 153 -10.27 3.78 15.70
C ILE A 153 -9.97 5.19 16.19
N ILE A 154 -9.24 5.30 17.30
CA ILE A 154 -8.75 6.58 17.76
C ILE A 154 -7.25 6.46 17.92
N HIS A 155 -6.54 7.42 17.35
CA HIS A 155 -5.09 7.36 17.29
C HIS A 155 -4.51 7.51 18.67
N ARG A 156 -5.03 8.53 19.38
CA ARG A 156 -4.64 8.86 20.75
C ARG A 156 -3.28 9.59 20.83
N ASP A 157 -2.44 9.42 19.82
CA ASP A 157 -1.13 10.02 19.85
C ASP A 157 -0.69 10.55 18.48
N LEU A 158 -1.61 11.20 17.79
CA LEU A 158 -1.33 11.73 16.46
C LEU A 158 -0.37 12.89 16.57
N LYS A 159 0.86 12.72 16.10
CA LYS A 159 1.88 13.78 16.13
C LYS A 159 2.90 13.64 14.99
N SER A 160 3.49 14.75 14.57
CA SER A 160 4.41 14.77 13.41
C SER A 160 5.53 13.72 13.37
N ASN A 161 6.03 13.30 14.53
CA ASN A 161 7.07 12.26 14.61
C ASN A 161 6.47 10.88 14.40
N ASN A 162 5.15 10.87 14.23
CA ASN A 162 4.37 9.67 14.02
C ASN A 162 3.74 9.63 12.64
N ILE A 163 3.99 10.66 11.82
CA ILE A 163 3.51 10.71 10.43
C ILE A 163 4.67 10.59 9.47
N PHE A 164 4.76 9.49 8.74
CA PHE A 164 5.86 9.28 7.83
C PHE A 164 5.54 9.97 6.52
N LEU A 165 6.59 10.34 5.80
CA LEU A 165 6.46 10.83 4.45
C LEU A 165 7.23 9.85 3.59
N HIS A 166 6.49 9.07 2.82
CA HIS A 166 7.07 7.96 2.10
C HIS A 166 7.38 8.36 0.67
N GLU A 167 8.55 7.90 0.22
CA GLU A 167 9.11 8.29 -1.08
C GLU A 167 9.07 9.81 -1.22
N ASP A 168 8.95 10.48 -0.07
CA ASP A 168 8.74 11.93 0.04
C ASP A 168 7.44 12.42 -0.61
N LEU A 169 6.52 11.51 -0.91
CA LEU A 169 5.21 11.92 -1.46
C LEU A 169 3.96 11.39 -0.74
N THR A 170 4.09 10.27 -0.03
CA THR A 170 2.90 9.66 0.57
C THR A 170 2.92 9.64 2.10
N VAL A 171 1.80 10.07 2.68
CA VAL A 171 1.65 10.15 4.12
C VAL A 171 1.23 8.79 4.68
N LYS A 172 1.95 8.34 5.70
CA LYS A 172 1.60 7.12 6.39
C LYS A 172 1.53 7.38 7.89
N ILE A 173 0.32 7.30 8.44
CA ILE A 173 0.11 7.42 9.87
C ILE A 173 0.46 6.10 10.53
N GLY A 174 1.15 6.18 11.66
CA GLY A 174 1.56 4.99 12.42
C GLY A 174 1.49 5.21 13.92
N ASP A 175 2.02 4.23 14.67
CA ASP A 175 2.04 4.22 16.13
C ASP A 175 0.69 4.58 16.76
N PHE A 176 -0.37 3.96 16.26
CA PHE A 176 -1.72 4.18 16.79
C PHE A 176 -2.27 2.88 17.30
N GLY A 177 -1.54 1.80 17.07
CA GLY A 177 -1.88 0.50 17.61
C GLY A 177 -1.55 0.41 19.09
N LEU A 178 -2.08 -0.61 19.74
CA LEU A 178 -1.84 -0.91 21.16
C LEU A 178 -2.30 0.22 22.08
N ALA A 179 -3.60 0.29 22.34
CA ALA A 179 -4.13 1.28 23.28
C ALA A 179 -4.37 0.61 24.64
N THR A 180 -4.32 -0.71 24.63
CA THR A 180 -4.59 -1.53 25.82
C THR A 180 -3.30 -2.02 26.43
N VAL A 181 -2.39 -2.47 25.57
CA VAL A 181 -1.11 -3.04 25.98
C VAL A 181 -0.21 -2.04 26.72
N LYS A 182 -0.45 -0.75 26.50
CA LYS A 182 0.34 0.30 27.15
C LYS A 182 -0.21 0.65 28.55
N SER A 183 -1.48 1.07 28.59
CA SER A 183 -2.20 1.29 29.86
C SER A 183 -2.02 0.09 30.81
N ARG A 184 -2.62 -1.03 30.44
CA ARG A 184 -2.36 -2.30 31.11
C ARG A 184 -1.05 -2.87 30.55
N SER A 195 3.91 11.55 28.30
CA SER A 195 5.03 12.47 28.41
C SER A 195 5.26 13.30 27.12
N GLY A 196 5.95 12.73 26.13
CA GLY A 196 6.44 13.50 24.96
C GLY A 196 5.45 13.80 23.83
N SER A 197 4.30 14.36 24.17
CA SER A 197 3.27 14.58 23.19
C SER A 197 2.42 15.74 23.65
N ILE A 198 2.85 16.28 24.78
CA ILE A 198 2.22 17.41 25.43
C ILE A 198 1.74 18.48 24.43
N LEU A 199 2.58 18.76 23.44
CA LEU A 199 2.29 19.81 22.47
C LEU A 199 1.00 19.56 21.70
N TRP A 200 0.75 18.30 21.36
CA TRP A 200 -0.43 17.94 20.56
C TRP A 200 -1.63 17.60 21.41
N MET A 201 -1.43 17.49 22.72
CA MET A 201 -2.54 17.13 23.57
C MET A 201 -3.58 18.21 23.67
N ALA A 202 -4.80 17.86 23.34
CA ALA A 202 -5.96 18.71 23.59
C ALA A 202 -6.08 19.05 25.08
N PRO A 203 -6.76 20.17 25.41
CA PRO A 203 -6.96 20.48 26.82
C PRO A 203 -7.47 19.27 27.60
N GLU A 204 -8.66 18.78 27.27
CA GLU A 204 -9.31 17.73 28.06
C GLU A 204 -8.36 16.58 28.28
N VAL A 205 -7.53 16.30 27.28
CA VAL A 205 -6.53 15.24 27.42
C VAL A 205 -5.47 15.63 28.44
N ILE A 206 -4.91 16.82 28.26
CA ILE A 206 -3.77 17.34 29.03
C ILE A 206 -3.97 17.30 30.56
N ARG A 207 -4.97 18.02 31.03
CA ARG A 207 -5.39 17.94 32.42
C ARG A 207 -5.94 16.55 32.58
N MET A 208 -5.18 15.66 33.19
CA MET A 208 -5.63 14.27 33.30
C MET A 208 -6.92 14.24 34.11
N GLN A 209 -8.02 14.70 33.51
CA GLN A 209 -9.26 14.98 34.23
C GLN A 209 -10.11 13.73 34.52
N ASP A 210 -10.69 13.12 33.49
CA ASP A 210 -11.51 11.91 33.70
C ASP A 210 -10.82 10.66 33.16
N LYS A 211 -11.52 9.53 33.22
CA LYS A 211 -10.95 8.23 32.83
C LYS A 211 -10.72 8.16 31.32
N ASN A 212 -11.68 8.67 30.54
CA ASN A 212 -11.53 8.71 29.08
C ASN A 212 -11.78 10.06 28.41
N PRO A 213 -10.69 10.80 28.17
CA PRO A 213 -10.68 12.06 27.44
C PRO A 213 -10.70 11.85 25.92
N TYR A 214 -9.96 10.82 25.48
CA TYR A 214 -9.74 10.53 24.09
C TYR A 214 -11.00 10.35 23.30
N SER A 215 -11.28 11.33 22.44
CA SER A 215 -12.41 11.24 21.54
C SER A 215 -11.91 11.30 20.10
N PHE A 216 -12.86 11.35 19.15
CA PHE A 216 -12.52 11.66 17.78
C PHE A 216 -11.93 13.06 17.75
N GLN A 217 -12.61 13.98 18.42
CA GLN A 217 -12.14 15.36 18.57
C GLN A 217 -10.76 15.49 19.24
N SER A 218 -10.46 14.64 20.21
CA SER A 218 -9.12 14.63 20.78
C SER A 218 -8.14 14.60 19.61
N ASP A 219 -8.30 13.61 18.74
CA ASP A 219 -7.48 13.45 17.56
C ASP A 219 -7.55 14.66 16.63
N VAL A 220 -8.73 15.27 16.55
CA VAL A 220 -8.91 16.44 15.71
C VAL A 220 -8.06 17.61 16.19
N TYR A 221 -8.03 17.87 17.49
CA TYR A 221 -7.16 18.91 18.04
C TYR A 221 -5.70 18.59 17.75
N ALA A 222 -5.29 17.34 17.89
CA ALA A 222 -3.90 16.96 17.56
C ALA A 222 -3.57 17.26 16.10
N PHE A 223 -4.60 17.19 15.26
CA PHE A 223 -4.49 17.60 13.87
C PHE A 223 -4.20 19.13 13.75
N GLY A 224 -5.02 19.94 14.40
CA GLY A 224 -4.76 21.38 14.49
C GLY A 224 -3.31 21.69 14.82
N ILE A 225 -2.72 20.94 15.74
CA ILE A 225 -1.30 21.14 16.03
C ILE A 225 -0.44 20.84 14.80
N VAL A 226 -0.60 19.66 14.19
CA VAL A 226 0.14 19.38 12.94
C VAL A 226 -0.15 20.41 11.86
N LEU A 227 -1.35 20.95 11.81
CA LEU A 227 -1.64 22.00 10.84
C LEU A 227 -0.75 23.21 11.08
N TYR A 228 -0.74 23.67 12.32
CA TYR A 228 0.13 24.74 12.76
C TYR A 228 1.59 24.39 12.45
N GLU A 229 1.97 23.13 12.67
CA GLU A 229 3.32 22.67 12.38
C GLU A 229 3.67 22.89 10.91
N LEU A 230 2.71 22.62 10.03
CA LEU A 230 2.94 22.71 8.61
C LEU A 230 3.03 24.16 8.22
N MET A 231 2.01 24.92 8.60
CA MET A 231 1.93 26.32 8.23
C MET A 231 2.96 27.26 8.90
N THR A 232 3.73 26.75 9.86
CA THR A 232 4.72 27.58 10.56
C THR A 232 6.09 26.94 10.62
N GLY A 233 6.16 25.64 10.36
CA GLY A 233 7.44 24.92 10.39
C GLY A 233 8.09 25.02 11.75
N GLN A 234 7.25 25.26 12.76
CA GLN A 234 7.69 25.46 14.13
C GLN A 234 6.80 24.74 15.13
N LEU A 235 7.43 24.12 16.14
CA LEU A 235 6.72 23.63 17.32
C LEU A 235 6.05 24.81 18.07
N PRO A 236 4.85 24.60 18.63
CA PRO A 236 4.18 25.71 19.32
C PRO A 236 4.76 25.95 20.71
N TYR A 237 4.45 27.14 21.25
CA TYR A 237 4.98 27.61 22.54
C TYR A 237 6.48 27.29 22.71
N SER A 238 7.32 28.06 22.03
CA SER A 238 8.77 27.80 21.99
C SER A 238 9.46 28.90 22.76
N ASN A 239 8.67 29.91 23.09
CA ASN A 239 9.09 31.03 23.91
C ASN A 239 8.77 30.76 25.38
N ILE A 240 8.57 29.50 25.71
CA ILE A 240 8.36 29.09 27.09
C ILE A 240 9.29 27.93 27.42
N ASN A 241 10.06 28.05 28.49
CA ASN A 241 11.07 27.06 28.84
C ASN A 241 10.63 26.09 29.93
N ASN A 242 9.57 26.45 30.65
CA ASN A 242 9.06 25.61 31.73
C ASN A 242 7.84 24.78 31.33
N ARG A 243 8.12 23.51 31.02
CA ARG A 243 7.15 22.52 30.58
C ARG A 243 5.86 22.56 31.38
N ASP A 244 5.97 22.35 32.67
CA ASP A 244 4.79 22.26 33.50
C ASP A 244 3.84 23.45 33.31
N GLN A 245 4.41 24.62 33.05
CA GLN A 245 3.59 25.82 32.85
C GLN A 245 2.75 25.74 31.59
N ILE A 246 3.30 25.10 30.56
CA ILE A 246 2.54 24.80 29.37
C ILE A 246 1.40 23.92 29.83
N ILE A 247 1.75 22.72 30.29
CA ILE A 247 0.77 21.72 30.71
C ILE A 247 -0.36 22.35 31.51
N PHE A 248 0.01 23.21 32.45
CA PHE A 248 -0.99 23.88 33.24
C PHE A 248 -1.88 24.74 32.35
N MET A 249 -1.22 25.60 31.56
CA MET A 249 -1.88 26.71 30.92
C MET A 249 -2.85 26.27 29.86
N VAL A 250 -2.41 25.28 29.07
CA VAL A 250 -3.21 24.73 27.99
C VAL A 250 -4.45 24.07 28.57
N GLY A 251 -4.21 23.26 29.61
CA GLY A 251 -5.26 22.57 30.37
C GLY A 251 -6.37 23.50 30.81
N ARG A 252 -6.02 24.75 31.07
CA ARG A 252 -7.01 25.72 31.49
C ARG A 252 -7.35 26.63 30.31
N GLY A 253 -6.66 26.40 29.20
CA GLY A 253 -6.89 27.19 28.00
C GLY A 253 -6.75 28.67 28.28
N TYR A 254 -5.61 29.04 28.85
CA TYR A 254 -5.21 30.43 28.89
C TYR A 254 -4.19 30.61 27.79
N LEU A 255 -3.54 29.50 27.44
CA LEU A 255 -2.52 29.45 26.41
C LEU A 255 -2.91 28.47 25.31
N SER A 256 -3.08 29.01 24.09
CA SER A 256 -3.29 28.21 22.89
C SER A 256 -2.24 28.57 21.84
N PRO A 257 -2.18 27.82 20.72
CA PRO A 257 -1.18 28.16 19.70
C PRO A 257 -1.43 29.52 19.05
N ASP A 258 -0.35 30.12 18.53
CA ASP A 258 -0.39 31.46 17.93
C ASP A 258 -0.60 31.43 16.42
N LEU A 259 -1.87 31.51 16.02
CA LEU A 259 -2.27 31.48 14.63
C LEU A 259 -1.42 32.44 13.80
N SER A 260 -1.22 33.65 14.32
CA SER A 260 -0.50 34.70 13.62
C SER A 260 0.97 34.36 13.29
N LYS A 261 1.39 33.12 13.52
CA LYS A 261 2.75 32.75 13.16
C LYS A 261 2.82 31.93 11.87
N VAL A 262 1.68 31.82 11.18
CA VAL A 262 1.64 31.09 9.91
C VAL A 262 2.33 31.91 8.85
N ARG A 263 3.04 31.24 7.94
CA ARG A 263 3.70 31.93 6.83
C ARG A 263 2.66 32.53 5.87
N SER A 264 2.96 33.70 5.29
CA SER A 264 1.95 34.51 4.58
C SER A 264 1.22 33.81 3.43
N ASN A 265 1.90 32.90 2.75
CA ASN A 265 1.32 32.14 1.63
C ASN A 265 0.27 31.11 2.03
N CYS A 266 0.04 30.97 3.33
CA CYS A 266 -1.03 30.13 3.88
C CYS A 266 -2.41 30.74 3.60
N PRO A 267 -3.28 29.98 2.90
CA PRO A 267 -4.64 30.34 2.52
C PRO A 267 -5.48 30.88 3.67
N LYS A 268 -6.35 31.84 3.36
CA LYS A 268 -7.27 32.44 4.35
C LYS A 268 -8.09 31.36 5.06
N ALA A 269 -8.59 30.40 4.29
CA ALA A 269 -9.44 29.35 4.82
C ALA A 269 -8.69 28.31 5.64
N MET A 270 -7.38 28.24 5.44
CA MET A 270 -6.53 27.32 6.18
C MET A 270 -6.43 27.75 7.63
N LYS A 271 -6.29 29.06 7.82
CA LYS A 271 -6.28 29.69 9.12
C LYS A 271 -7.60 29.42 9.84
N ARG A 272 -8.70 29.76 9.18
CA ARG A 272 -10.04 29.54 9.72
C ARG A 272 -10.23 28.12 10.21
N LEU A 273 -9.73 27.16 9.44
CA LEU A 273 -9.88 25.75 9.77
C LEU A 273 -8.97 25.31 10.90
N MET A 274 -7.74 25.81 10.89
CA MET A 274 -6.79 25.53 11.96
C MET A 274 -7.45 25.94 13.27
N ALA A 275 -7.99 27.15 13.29
CA ALA A 275 -8.66 27.70 14.44
C ALA A 275 -9.86 26.87 14.81
N GLU A 276 -10.56 26.39 13.79
CA GLU A 276 -11.72 25.52 13.97
C GLU A 276 -11.34 24.21 14.63
N CYS A 277 -10.17 23.70 14.25
CA CYS A 277 -9.64 22.45 14.76
C CYS A 277 -8.99 22.54 16.15
N LEU A 278 -8.85 23.76 16.66
CA LEU A 278 -8.12 23.97 17.91
C LEU A 278 -8.99 24.52 19.03
N LYS A 279 -10.25 24.80 18.71
CA LYS A 279 -11.24 25.26 19.69
C LYS A 279 -11.05 24.53 21.03
N LYS A 280 -11.12 25.29 22.13
CA LYS A 280 -10.83 24.75 23.46
C LYS A 280 -11.85 23.71 23.91
N LYS A 281 -13.14 24.06 23.78
CA LYS A 281 -14.20 23.09 23.99
C LYS A 281 -14.25 22.09 22.83
N ARG A 282 -14.23 20.79 23.15
CA ARG A 282 -14.12 19.75 22.11
C ARG A 282 -15.35 19.58 21.22
N ASP A 283 -16.51 20.03 21.69
CA ASP A 283 -17.73 19.97 20.89
C ASP A 283 -17.69 20.97 19.76
N GLU A 284 -16.85 21.99 19.87
CA GLU A 284 -16.76 23.01 18.84
C GLU A 284 -15.89 22.56 17.67
N ARG A 285 -15.01 21.59 17.91
CA ARG A 285 -14.14 21.07 16.84
C ARG A 285 -14.94 20.28 15.81
N PRO A 286 -14.63 20.46 14.51
CA PRO A 286 -15.29 19.67 13.48
C PRO A 286 -14.66 18.29 13.35
N LEU A 287 -15.36 17.37 12.71
CA LEU A 287 -14.88 16.00 12.50
C LEU A 287 -14.33 15.86 11.10
N PHE A 288 -13.50 14.84 10.89
CA PHE A 288 -12.74 14.69 9.65
C PHE A 288 -13.49 14.76 8.31
N PRO A 289 -14.72 14.21 8.24
CA PRO A 289 -15.52 14.57 7.08
C PRO A 289 -15.47 16.08 6.77
N GLN A 290 -15.84 16.91 7.74
CA GLN A 290 -15.91 18.35 7.50
C GLN A 290 -14.55 18.98 7.26
N ILE A 291 -13.53 18.44 7.92
CA ILE A 291 -12.17 18.91 7.77
C ILE A 291 -11.70 18.64 6.35
N LEU A 292 -11.88 17.40 5.92
CA LEU A 292 -11.50 16.95 4.60
C LEU A 292 -12.19 17.80 3.55
N ALA A 293 -13.49 18.03 3.74
CA ALA A 293 -14.29 18.93 2.91
C ALA A 293 -13.58 20.27 2.74
N SER A 294 -13.29 20.91 3.86
CA SER A 294 -12.65 22.20 3.89
C SER A 294 -11.28 22.25 3.22
N ILE A 295 -10.48 21.20 3.38
CA ILE A 295 -9.16 21.14 2.75
C ILE A 295 -9.32 21.00 1.24
N GLU A 296 -10.08 19.99 0.81
CA GLU A 296 -10.24 19.73 -0.62
C GLU A 296 -10.89 20.89 -1.35
N LEU A 297 -11.60 21.75 -0.60
CA LEU A 297 -12.24 22.93 -1.18
C LEU A 297 -11.25 24.06 -1.42
N LEU A 298 -10.40 24.34 -0.43
CA LEU A 298 -9.46 25.45 -0.53
C LEU A 298 -8.26 25.11 -1.43
N ALA A 299 -7.94 23.83 -1.53
CA ALA A 299 -6.81 23.37 -2.34
C ALA A 299 -7.15 23.48 -3.83
N ARG A 300 -8.45 23.46 -4.12
CA ARG A 300 -8.93 23.60 -5.48
C ARG A 300 -8.91 25.05 -5.97
N SER A 301 -8.90 26.00 -5.04
CA SER A 301 -8.79 27.42 -5.38
C SER A 301 -7.39 27.95 -5.08
N LEU A 302 -6.40 27.09 -5.24
CA LEU A 302 -5.05 27.41 -4.79
C LEU A 302 -4.05 27.76 -5.91
N PRO A 303 -3.58 26.76 -6.71
CA PRO A 303 -2.47 27.05 -7.66
C PRO A 303 -2.83 28.10 -8.72
N LYS A 304 -4.12 28.45 -8.77
CA LYS A 304 -4.69 29.47 -9.67
C LYS A 304 -4.18 30.88 -9.34
N ASP B 29 -13.36 -6.60 11.41
CA ASP B 29 -12.88 -7.61 10.41
C ASP B 29 -13.53 -7.40 9.00
N ASP B 30 -14.72 -7.95 8.78
CA ASP B 30 -15.31 -8.03 7.41
C ASP B 30 -15.37 -6.73 6.56
N TRP B 31 -15.04 -6.88 5.28
CA TRP B 31 -14.70 -5.78 4.38
C TRP B 31 -15.83 -5.29 3.47
N GLU B 32 -17.00 -5.88 3.65
CA GLU B 32 -18.17 -5.44 2.92
C GLU B 32 -18.33 -3.93 3.08
N ILE B 33 -18.31 -3.22 1.96
CA ILE B 33 -18.57 -1.79 1.99
C ILE B 33 -20.05 -1.54 1.71
N PRO B 34 -20.76 -1.00 2.70
CA PRO B 34 -22.20 -0.72 2.62
C PRO B 34 -22.57 0.09 1.38
N ASP B 35 -23.79 -0.13 0.90
CA ASP B 35 -24.27 0.53 -0.31
C ASP B 35 -24.19 2.05 -0.21
N GLY B 36 -23.73 2.66 -1.30
CA GLY B 36 -23.78 4.12 -1.47
C GLY B 36 -22.55 4.85 -0.98
N GLN B 37 -21.71 4.16 -0.21
CA GLN B 37 -20.51 4.78 0.35
C GLN B 37 -19.44 5.08 -0.69
N ILE B 38 -19.62 4.57 -1.91
CA ILE B 38 -18.67 4.77 -2.98
C ILE B 38 -19.25 5.68 -4.07
N THR B 39 -18.44 6.63 -4.54
CA THR B 39 -18.82 7.51 -5.65
C THR B 39 -18.03 7.08 -6.86
N VAL B 40 -18.74 6.58 -7.86
CA VAL B 40 -18.10 6.06 -9.05
C VAL B 40 -17.96 7.19 -10.05
N GLY B 41 -16.80 7.26 -10.70
CA GLY B 41 -16.55 8.32 -11.66
C GLY B 41 -16.41 7.84 -13.09
N GLN B 42 -15.24 8.09 -13.66
CA GLN B 42 -14.96 7.83 -15.06
C GLN B 42 -14.60 6.36 -15.31
N ARG B 43 -15.16 5.80 -16.38
CA ARG B 43 -14.81 4.45 -16.84
C ARG B 43 -13.34 4.38 -17.26
N ILE B 44 -12.74 3.19 -17.18
CA ILE B 44 -11.45 2.92 -17.84
C ILE B 44 -11.28 1.48 -18.32
N GLY B 45 -11.88 0.55 -17.58
CA GLY B 45 -11.78 -0.89 -17.87
C GLY B 45 -12.77 -1.38 -18.92
N SER B 46 -12.36 -1.32 -20.17
CA SER B 46 -13.17 -1.80 -21.30
C SER B 46 -13.15 -3.33 -21.32
N GLY B 47 -13.69 -3.94 -20.25
CA GLY B 47 -13.73 -5.41 -20.12
C GLY B 47 -15.14 -5.95 -20.23
N SER B 48 -15.26 -7.20 -20.67
CA SER B 48 -16.56 -7.85 -20.83
C SER B 48 -17.23 -8.09 -19.48
N PHE B 49 -16.58 -8.94 -18.67
CA PHE B 49 -16.99 -9.23 -17.31
C PHE B 49 -16.16 -8.35 -16.36
N GLY B 50 -16.75 -7.21 -15.98
CA GLY B 50 -16.07 -6.25 -15.12
C GLY B 50 -15.53 -4.99 -15.77
N THR B 51 -15.95 -3.85 -15.23
CA THR B 51 -15.47 -2.55 -15.65
C THR B 51 -14.69 -1.91 -14.49
N VAL B 52 -13.45 -1.52 -14.76
CA VAL B 52 -12.66 -0.76 -13.80
C VAL B 52 -13.09 0.71 -13.83
N TYR B 53 -13.10 1.36 -12.67
CA TYR B 53 -13.52 2.76 -12.55
C TYR B 53 -12.65 3.48 -11.53
N LYS B 54 -12.27 4.72 -11.83
CA LYS B 54 -11.73 5.60 -10.80
C LYS B 54 -12.93 6.14 -10.05
N GLY B 55 -12.96 5.89 -8.74
CA GLY B 55 -14.06 6.31 -7.88
C GLY B 55 -13.56 6.78 -6.54
N LYS B 56 -14.45 7.31 -5.71
CA LYS B 56 -14.06 7.87 -4.42
C LYS B 56 -14.67 7.11 -3.25
N TRP B 57 -13.81 6.65 -2.34
CA TRP B 57 -14.22 6.04 -1.06
C TRP B 57 -13.05 6.23 -0.09
N HIS B 58 -13.19 7.21 0.80
CA HIS B 58 -12.09 7.65 1.65
C HIS B 58 -10.85 7.93 0.81
N GLY B 59 -11.04 8.74 -0.21
CA GLY B 59 -9.99 9.09 -1.13
C GLY B 59 -10.11 8.41 -2.49
N ASP B 60 -9.00 8.43 -3.23
CA ASP B 60 -8.98 7.87 -4.57
C ASP B 60 -8.92 6.36 -4.52
N VAL B 61 -9.91 5.73 -5.14
CA VAL B 61 -9.98 4.28 -5.22
C VAL B 61 -10.32 3.77 -6.63
N ALA B 62 -9.68 2.67 -7.01
CA ALA B 62 -10.10 1.89 -8.16
C ALA B 62 -11.22 0.94 -7.75
N VAL B 63 -12.27 0.87 -8.58
CA VAL B 63 -13.41 -0.02 -8.31
C VAL B 63 -13.72 -0.90 -9.51
N LYS B 64 -13.41 -2.19 -9.40
CA LYS B 64 -13.71 -3.12 -10.48
C LYS B 64 -15.09 -3.73 -10.25
N MET B 65 -16.08 -3.24 -10.99
CA MET B 65 -17.44 -3.73 -10.88
C MET B 65 -17.74 -4.87 -11.85
N LEU B 66 -17.75 -6.11 -11.34
CA LEU B 66 -18.15 -7.31 -12.11
C LEU B 66 -19.51 -7.07 -12.77
N ASN B 67 -19.65 -7.52 -14.02
CA ASN B 67 -20.84 -7.15 -14.80
C ASN B 67 -21.97 -8.18 -14.89
N VAL B 68 -21.69 -9.40 -14.44
CA VAL B 68 -22.67 -10.51 -14.47
C VAL B 68 -24.03 -10.20 -13.80
N THR B 69 -24.90 -9.51 -14.57
CA THR B 69 -26.30 -9.12 -14.19
C THR B 69 -26.67 -9.12 -12.68
N ALA B 70 -27.61 -9.99 -12.28
CA ALA B 70 -27.98 -10.15 -10.86
C ALA B 70 -27.75 -11.61 -10.43
N PRO B 71 -26.92 -11.82 -9.39
CA PRO B 71 -26.30 -13.14 -9.17
C PRO B 71 -27.03 -14.09 -8.21
N THR B 72 -26.83 -15.39 -8.46
CA THR B 72 -27.38 -16.49 -7.66
C THR B 72 -26.75 -16.53 -6.28
N PRO B 73 -27.57 -16.83 -5.25
CA PRO B 73 -27.09 -17.28 -3.93
C PRO B 73 -25.92 -18.28 -3.96
N GLN B 74 -25.88 -19.14 -4.99
CA GLN B 74 -24.79 -20.11 -5.16
C GLN B 74 -23.52 -19.43 -5.71
N GLN B 75 -23.71 -18.42 -6.56
CA GLN B 75 -22.61 -17.58 -7.05
C GLN B 75 -22.13 -16.65 -5.92
N LEU B 76 -23.05 -15.80 -5.48
CA LEU B 76 -22.84 -14.82 -4.41
C LEU B 76 -21.89 -15.30 -3.32
N GLN B 77 -22.03 -16.56 -2.95
CA GLN B 77 -21.25 -17.13 -1.85
C GLN B 77 -19.83 -17.44 -2.26
N ALA B 78 -19.67 -18.02 -3.45
CA ALA B 78 -18.35 -18.33 -3.99
C ALA B 78 -17.58 -17.05 -4.35
N PHE B 79 -18.30 -15.95 -4.50
CA PHE B 79 -17.71 -14.63 -4.71
C PHE B 79 -16.91 -14.21 -3.49
N LYS B 80 -17.55 -14.29 -2.33
CA LYS B 80 -16.92 -13.91 -1.07
C LYS B 80 -15.67 -14.74 -0.86
N ASN B 81 -15.76 -16.01 -1.24
CA ASN B 81 -14.60 -16.89 -1.20
C ASN B 81 -13.37 -16.27 -1.83
N GLU B 82 -13.59 -15.56 -2.93
CA GLU B 82 -12.51 -14.88 -3.64
C GLU B 82 -11.95 -13.74 -2.81
N VAL B 83 -12.84 -13.00 -2.13
CA VAL B 83 -12.41 -11.93 -1.23
C VAL B 83 -11.51 -12.54 -0.15
N GLY B 84 -11.92 -13.71 0.36
CA GLY B 84 -11.08 -14.49 1.24
C GLY B 84 -9.63 -14.56 0.78
N VAL B 85 -9.44 -14.85 -0.51
CA VAL B 85 -8.10 -14.97 -1.09
C VAL B 85 -7.37 -13.63 -1.05
N LEU B 86 -8.10 -12.56 -1.34
CA LEU B 86 -7.52 -11.23 -1.36
C LEU B 86 -7.01 -10.82 0.01
N ARG B 87 -7.86 -10.90 1.03
CA ARG B 87 -7.48 -10.43 2.36
C ARG B 87 -6.22 -11.09 2.92
N LYS B 88 -5.77 -12.18 2.32
CA LYS B 88 -4.57 -12.88 2.76
C LYS B 88 -3.28 -12.13 2.40
N THR B 89 -3.44 -10.94 1.81
CA THR B 89 -2.34 -10.19 1.19
C THR B 89 -2.09 -8.82 1.80
N ARG B 90 -0.91 -8.69 2.38
CA ARG B 90 -0.45 -7.43 2.95
C ARG B 90 1.01 -7.24 2.59
N HIS B 91 1.25 -6.68 1.41
CA HIS B 91 2.59 -6.41 0.92
C HIS B 91 2.64 -5.22 -0.01
N VAL B 92 3.75 -4.51 0.06
CA VAL B 92 3.96 -3.23 -0.61
C VAL B 92 3.91 -3.40 -2.14
N ASN B 93 4.51 -4.51 -2.61
CA ASN B 93 4.54 -4.81 -4.02
C ASN B 93 3.29 -5.52 -4.56
N ILE B 94 2.30 -5.74 -3.70
CA ILE B 94 1.02 -6.29 -4.13
C ILE B 94 0.02 -5.18 -4.03
N LEU B 95 -0.86 -5.07 -5.04
CA LEU B 95 -1.90 -4.07 -5.02
C LEU B 95 -2.69 -4.15 -3.72
N LEU B 96 -3.07 -2.99 -3.19
CA LEU B 96 -3.77 -2.97 -1.94
C LEU B 96 -5.26 -3.23 -2.11
N PHE B 97 -5.70 -4.38 -1.62
CA PHE B 97 -7.14 -4.63 -1.47
C PHE B 97 -7.68 -3.69 -0.39
N MET B 98 -8.86 -3.10 -0.62
CA MET B 98 -9.42 -2.18 0.37
C MET B 98 -10.85 -2.51 0.81
N GLY B 99 -11.46 -3.47 0.12
CA GLY B 99 -12.86 -3.87 0.38
C GLY B 99 -13.63 -4.26 -0.88
N TYR B 100 -14.78 -4.89 -0.69
CA TYR B 100 -15.66 -5.30 -1.78
C TYR B 100 -17.07 -4.76 -1.56
N SER B 101 -17.79 -4.52 -2.65
CA SER B 101 -19.22 -4.24 -2.55
C SER B 101 -20.01 -5.47 -3.02
N THR B 102 -21.31 -5.48 -2.73
CA THR B 102 -22.21 -6.52 -3.26
C THR B 102 -23.50 -5.86 -3.67
N LYS B 103 -23.92 -4.86 -2.91
CA LYS B 103 -25.22 -4.26 -3.13
C LYS B 103 -25.42 -3.72 -4.57
N PRO B 104 -24.94 -2.49 -4.89
CA PRO B 104 -25.39 -1.98 -6.20
C PRO B 104 -25.05 -2.96 -7.33
N GLN B 105 -23.84 -3.49 -7.30
CA GLN B 105 -23.41 -4.64 -8.09
C GLN B 105 -22.34 -5.29 -7.26
N LEU B 106 -21.86 -6.45 -7.71
CA LEU B 106 -20.68 -7.03 -7.12
C LEU B 106 -19.51 -6.16 -7.50
N ALA B 107 -18.55 -6.02 -6.59
CA ALA B 107 -17.43 -5.10 -6.78
C ALA B 107 -16.15 -5.55 -6.07
N ILE B 108 -15.02 -5.09 -6.57
CA ILE B 108 -13.77 -5.17 -5.83
C ILE B 108 -13.03 -3.85 -5.91
N VAL B 109 -12.85 -3.25 -4.73
CA VAL B 109 -12.22 -1.94 -4.58
C VAL B 109 -10.75 -2.11 -4.20
N THR B 110 -9.90 -1.34 -4.86
CA THR B 110 -8.51 -1.25 -4.47
C THR B 110 -8.06 0.21 -4.32
N GLN B 111 -6.78 0.38 -4.01
CA GLN B 111 -6.14 1.67 -4.10
C GLN B 111 -6.12 2.13 -5.54
N TRP B 112 -6.40 3.41 -5.75
CA TRP B 112 -6.14 4.02 -7.04
C TRP B 112 -4.65 4.34 -7.20
N CYS B 113 -4.02 3.79 -8.23
CA CYS B 113 -2.62 4.08 -8.50
C CYS B 113 -2.44 5.36 -9.29
N GLU B 114 -1.56 6.21 -8.78
CA GLU B 114 -1.03 7.30 -9.54
C GLU B 114 0.05 6.71 -10.44
N GLY B 115 -0.04 6.99 -11.74
CA GLY B 115 0.87 6.39 -12.74
C GLY B 115 0.16 5.56 -13.79
N SER B 116 0.89 4.65 -14.45
CA SER B 116 0.32 3.81 -15.51
C SER B 116 0.92 2.43 -15.45
N SER B 117 0.35 1.48 -16.20
CA SER B 117 0.86 0.12 -16.14
C SER B 117 2.20 -0.01 -16.84
N LEU B 118 2.99 -0.97 -16.38
CA LEU B 118 4.27 -1.27 -16.98
C LEU B 118 4.14 -1.57 -18.46
N TYR B 119 2.96 -2.06 -18.84
CA TYR B 119 2.63 -2.31 -20.24
C TYR B 119 2.60 -0.97 -20.92
N HIS B 120 1.69 -0.14 -20.45
CA HIS B 120 1.52 1.21 -20.98
C HIS B 120 2.82 1.93 -21.14
N HIS B 121 3.77 1.69 -20.25
CA HIS B 121 5.06 2.36 -20.32
C HIS B 121 5.89 1.79 -21.44
N LEU B 122 6.04 0.48 -21.43
CA LEU B 122 6.93 -0.19 -22.37
C LEU B 122 6.38 -0.14 -23.78
N HIS B 123 5.05 -0.13 -23.89
CA HIS B 123 4.41 -0.42 -25.16
C HIS B 123 3.46 0.65 -25.66
N ILE B 124 2.98 1.53 -24.81
CA ILE B 124 2.19 2.63 -25.36
C ILE B 124 3.03 3.89 -25.49
N ILE B 125 3.55 4.38 -24.38
CA ILE B 125 4.23 5.68 -24.38
C ILE B 125 5.76 5.60 -24.49
N GLU B 126 6.28 4.41 -24.76
CA GLU B 126 7.70 4.21 -25.05
C GLU B 126 8.65 4.65 -23.93
N THR B 127 8.14 4.93 -22.74
CA THR B 127 9.00 5.38 -21.63
C THR B 127 10.30 4.56 -21.61
N LYS B 128 11.43 5.25 -21.73
CA LYS B 128 12.73 4.58 -21.68
C LYS B 128 13.33 4.67 -20.28
N PHE B 129 13.56 3.51 -19.67
CA PHE B 129 14.07 3.48 -18.31
C PHE B 129 15.55 3.24 -18.33
N GLU B 130 16.23 3.79 -17.31
CA GLU B 130 17.62 3.48 -17.02
C GLU B 130 17.72 2.00 -16.68
N MET B 131 18.84 1.37 -17.04
CA MET B 131 19.03 -0.06 -16.80
C MET B 131 18.75 -0.46 -15.36
N ILE B 132 19.21 0.39 -14.44
CA ILE B 132 19.02 0.22 -13.00
C ILE B 132 17.54 0.26 -12.67
N LYS B 133 16.87 1.33 -13.09
CA LYS B 133 15.44 1.49 -12.88
C LYS B 133 14.70 0.25 -13.35
N LEU B 134 15.18 -0.34 -14.46
CA LEU B 134 14.56 -1.53 -15.06
C LEU B 134 14.76 -2.76 -14.21
N ILE B 135 16.01 -3.05 -13.90
CA ILE B 135 16.36 -4.14 -13.00
C ILE B 135 15.66 -4.00 -11.67
N ASP B 136 15.48 -2.76 -11.19
CA ASP B 136 14.66 -2.58 -10.01
C ASP B 136 13.26 -3.13 -10.25
N ILE B 137 12.51 -2.53 -11.18
CA ILE B 137 11.16 -3.02 -11.52
C ILE B 137 11.08 -4.55 -11.56
N ALA B 138 12.13 -5.18 -12.10
CA ALA B 138 12.26 -6.64 -12.08
C ALA B 138 12.26 -7.16 -10.66
N ARG B 139 13.23 -6.71 -9.85
CA ARG B 139 13.33 -7.11 -8.43
C ARG B 139 12.05 -6.91 -7.66
N GLN B 140 11.47 -5.72 -7.80
CA GLN B 140 10.24 -5.42 -7.11
C GLN B 140 9.18 -6.42 -7.53
N THR B 141 9.08 -6.67 -8.83
CA THR B 141 8.10 -7.61 -9.32
C THR B 141 8.43 -9.03 -8.88
N ALA B 142 9.71 -9.35 -8.80
CA ALA B 142 10.13 -10.63 -8.27
C ALA B 142 9.76 -10.71 -6.80
N GLN B 143 9.78 -9.57 -6.10
CA GLN B 143 9.43 -9.56 -4.70
C GLN B 143 7.99 -9.98 -4.51
N GLY B 144 7.08 -9.14 -5.00
CA GLY B 144 5.64 -9.36 -4.85
C GLY B 144 5.17 -10.74 -5.25
N MET B 145 5.93 -11.37 -6.15
CA MET B 145 5.60 -12.71 -6.62
C MET B 145 5.92 -13.69 -5.52
N ASP B 146 7.22 -13.85 -5.25
CA ASP B 146 7.70 -14.63 -4.13
C ASP B 146 6.80 -14.58 -2.88
N TYR B 147 6.33 -13.38 -2.52
CA TYR B 147 5.28 -13.22 -1.50
C TYR B 147 4.05 -14.03 -1.92
N LEU B 148 3.35 -13.57 -2.95
CA LEU B 148 2.15 -14.26 -3.42
C LEU B 148 2.27 -15.78 -3.43
N HIS B 149 3.48 -16.29 -3.64
CA HIS B 149 3.72 -17.71 -3.69
C HIS B 149 3.87 -18.32 -2.30
N ALA B 150 4.74 -17.73 -1.49
CA ALA B 150 4.85 -18.10 -0.08
C ALA B 150 3.51 -17.92 0.67
N LYS B 151 2.52 -17.33 0.00
CA LYS B 151 1.18 -17.25 0.55
C LYS B 151 0.21 -18.12 -0.26
N SER B 152 0.74 -19.20 -0.84
CA SER B 152 -0.06 -20.19 -1.58
C SER B 152 -1.06 -19.61 -2.58
N ILE B 153 -0.61 -18.63 -3.35
CA ILE B 153 -1.44 -18.08 -4.43
C ILE B 153 -0.67 -18.15 -5.73
N ILE B 154 -1.34 -18.64 -6.76
CA ILE B 154 -0.78 -18.63 -8.10
C ILE B 154 -1.46 -17.46 -8.80
N HIS B 155 -0.71 -16.71 -9.61
CA HIS B 155 -1.29 -15.52 -10.24
C HIS B 155 -2.13 -15.90 -11.44
N ARG B 156 -1.49 -16.64 -12.35
CA ARG B 156 -2.13 -17.24 -13.52
C ARG B 156 -2.17 -16.30 -14.71
N ASP B 157 -2.18 -14.99 -14.45
CA ASP B 157 -2.22 -13.98 -15.49
C ASP B 157 -1.20 -12.90 -15.22
N LEU B 158 0.03 -13.30 -14.92
CA LEU B 158 1.09 -12.32 -14.77
C LEU B 158 1.36 -11.72 -16.14
N LYS B 159 1.30 -10.40 -16.21
CA LYS B 159 1.73 -9.68 -17.39
C LYS B 159 2.05 -8.22 -17.07
N SER B 160 2.76 -7.56 -17.97
CA SER B 160 3.12 -6.15 -17.83
C SER B 160 1.92 -5.21 -17.72
N ASN B 161 0.74 -5.70 -18.12
CA ASN B 161 -0.47 -4.88 -18.08
C ASN B 161 -1.09 -5.00 -16.71
N ASN B 162 -0.52 -5.89 -15.92
CA ASN B 162 -0.99 -6.13 -14.57
C ASN B 162 0.00 -5.62 -13.53
N ILE B 163 1.18 -5.22 -13.97
CA ILE B 163 2.16 -4.63 -13.06
C ILE B 163 2.10 -3.10 -13.08
N PHE B 164 1.48 -2.52 -12.07
CA PHE B 164 1.32 -1.07 -12.00
C PHE B 164 2.58 -0.43 -11.49
N LEU B 165 2.87 0.76 -11.99
CA LEU B 165 4.02 1.51 -11.54
C LEU B 165 3.51 2.74 -10.80
N HIS B 166 3.37 2.61 -9.49
CA HIS B 166 2.81 3.69 -8.67
C HIS B 166 3.83 4.79 -8.42
N GLU B 167 3.37 6.04 -8.52
CA GLU B 167 4.20 7.24 -8.38
C GLU B 167 5.54 7.04 -9.05
N ASP B 168 5.54 6.25 -10.13
CA ASP B 168 6.69 5.98 -11.00
C ASP B 168 7.89 5.27 -10.38
N LEU B 169 7.69 4.59 -9.24
CA LEU B 169 8.81 3.84 -8.61
C LEU B 169 8.46 2.59 -7.83
N THR B 170 7.18 2.42 -7.52
CA THR B 170 6.74 1.30 -6.71
C THR B 170 5.84 0.36 -7.51
N VAL B 171 6.30 -0.89 -7.65
CA VAL B 171 5.61 -1.93 -8.41
C VAL B 171 4.42 -2.47 -7.62
N LYS B 172 3.29 -2.65 -8.29
CA LYS B 172 2.08 -3.14 -7.62
C LYS B 172 1.34 -4.17 -8.48
N ILE B 173 1.58 -5.45 -8.23
CA ILE B 173 0.94 -6.55 -8.96
C ILE B 173 -0.56 -6.64 -8.68
N GLY B 174 -1.35 -6.60 -9.74
CA GLY B 174 -2.81 -6.61 -9.63
C GLY B 174 -3.48 -7.77 -10.37
N ASP B 175 -4.76 -7.58 -10.66
CA ASP B 175 -5.65 -8.59 -11.24
C ASP B 175 -5.13 -10.03 -11.20
N PHE B 176 -5.17 -10.61 -10.02
CA PHE B 176 -4.86 -12.03 -9.81
C PHE B 176 -5.95 -12.72 -9.01
N GLY B 177 -6.94 -11.92 -8.61
CA GLY B 177 -7.93 -12.35 -7.64
C GLY B 177 -8.84 -13.49 -8.06
N LEU B 178 -9.86 -13.15 -8.81
CA LEU B 178 -11.00 -14.04 -9.01
C LEU B 178 -10.75 -14.97 -10.18
N ALA B 179 -9.79 -15.88 -10.02
CA ALA B 179 -9.56 -16.95 -10.99
C ALA B 179 -10.73 -17.93 -10.95
N THR B 180 -11.05 -18.37 -9.73
CA THR B 180 -12.10 -19.35 -9.46
C THR B 180 -13.45 -18.92 -10.02
N VAL B 181 -13.73 -17.61 -9.99
CA VAL B 181 -15.01 -17.09 -10.44
C VAL B 181 -14.96 -16.64 -11.91
N LYS B 182 -13.83 -16.89 -12.56
CA LYS B 182 -13.74 -16.70 -14.01
C LYS B 182 -14.00 -18.02 -14.69
N SER B 183 -13.18 -19.03 -14.36
CA SER B 183 -13.29 -20.39 -14.87
C SER B 183 -14.73 -20.88 -14.77
N ARG B 184 -15.17 -21.12 -13.54
CA ARG B 184 -16.52 -21.57 -13.30
C ARG B 184 -17.50 -20.39 -13.32
N TRP B 185 -17.75 -19.85 -14.52
CA TRP B 185 -18.74 -18.80 -14.78
C TRP B 185 -18.87 -18.53 -16.27
N SER B 186 -20.10 -18.59 -16.79
CA SER B 186 -20.33 -18.43 -18.22
C SER B 186 -20.23 -16.97 -18.69
N GLY B 187 -19.84 -16.81 -19.95
CA GLY B 187 -19.60 -15.50 -20.58
C GLY B 187 -18.47 -15.52 -21.60
N SER B 188 -18.25 -14.38 -22.24
CA SER B 188 -17.21 -14.22 -23.28
C SER B 188 -15.80 -14.10 -22.71
N HIS B 189 -15.72 -13.72 -21.44
CA HIS B 189 -14.47 -13.43 -20.73
C HIS B 189 -13.55 -14.64 -20.63
N GLN B 190 -14.14 -15.83 -20.54
CA GLN B 190 -13.38 -17.09 -20.55
C GLN B 190 -12.45 -17.24 -21.77
N PHE B 191 -12.72 -16.39 -22.78
CA PHE B 191 -12.00 -16.39 -24.04
C PHE B 191 -11.05 -15.20 -24.09
N GLU B 192 -11.62 -13.99 -24.11
CA GLU B 192 -10.88 -12.74 -24.19
C GLU B 192 -9.65 -12.70 -23.31
N GLN B 193 -9.85 -12.93 -22.01
CA GLN B 193 -8.76 -12.76 -21.03
C GLN B 193 -7.69 -13.84 -21.23
N LEU B 194 -8.09 -14.94 -21.88
CA LEU B 194 -7.14 -15.98 -22.27
C LEU B 194 -6.30 -15.59 -23.48
N SER B 195 -6.91 -14.83 -24.38
CA SER B 195 -6.26 -14.42 -25.61
C SER B 195 -5.24 -13.30 -25.42
N GLY B 196 -5.54 -12.39 -24.50
CA GLY B 196 -4.62 -11.30 -24.21
C GLY B 196 -3.62 -11.78 -23.19
N SER B 197 -3.05 -12.95 -23.45
CA SER B 197 -2.23 -13.61 -22.47
C SER B 197 -1.33 -14.61 -23.15
N ILE B 198 -1.60 -14.85 -24.42
CA ILE B 198 -0.90 -15.88 -25.16
C ILE B 198 0.62 -15.73 -25.05
N LEU B 199 1.09 -14.50 -25.10
CA LEU B 199 2.52 -14.19 -25.07
C LEU B 199 3.17 -14.72 -23.81
N TRP B 200 2.55 -14.40 -22.66
CA TRP B 200 3.05 -14.77 -21.34
C TRP B 200 2.78 -16.23 -20.94
N MET B 201 1.86 -16.89 -21.63
CA MET B 201 1.55 -18.29 -21.36
C MET B 201 2.75 -19.19 -21.58
N ALA B 202 3.04 -20.04 -20.59
CA ALA B 202 4.04 -21.10 -20.73
C ALA B 202 3.54 -22.19 -21.67
N PRO B 203 4.47 -22.94 -22.32
CA PRO B 203 4.05 -24.03 -23.20
C PRO B 203 2.97 -24.90 -22.56
N GLU B 204 3.28 -25.51 -21.41
CA GLU B 204 2.39 -26.47 -20.74
C GLU B 204 1.02 -25.88 -20.50
N VAL B 205 0.96 -24.55 -20.41
CA VAL B 205 -0.30 -23.86 -20.27
C VAL B 205 -1.00 -23.76 -21.62
N ILE B 206 -0.21 -23.53 -22.68
CA ILE B 206 -0.73 -23.36 -24.03
C ILE B 206 -1.44 -24.64 -24.51
N ARG B 207 -0.67 -25.72 -24.60
CA ARG B 207 -1.20 -27.04 -24.91
C ARG B 207 -1.91 -27.57 -23.67
N MET B 208 -3.21 -27.30 -23.61
CA MET B 208 -4.03 -27.65 -22.44
C MET B 208 -4.05 -29.16 -22.17
N GLN B 209 -2.85 -29.71 -21.93
CA GLN B 209 -2.62 -31.14 -21.75
C GLN B 209 -3.57 -31.77 -20.73
N ASP B 210 -3.89 -31.04 -19.65
CA ASP B 210 -4.75 -31.56 -18.59
C ASP B 210 -5.67 -30.53 -17.90
N LYS B 211 -6.07 -30.85 -16.66
CA LYS B 211 -7.05 -30.08 -15.88
C LYS B 211 -6.43 -28.82 -15.24
N ASN B 212 -5.25 -28.99 -14.62
CA ASN B 212 -4.56 -27.85 -14.02
C ASN B 212 -3.07 -27.81 -14.31
N PRO B 213 -2.71 -27.06 -15.38
CA PRO B 213 -1.33 -26.87 -15.83
C PRO B 213 -0.67 -25.67 -15.15
N TYR B 214 -1.52 -24.79 -14.58
CA TYR B 214 -1.11 -23.55 -13.95
C TYR B 214 -0.30 -23.75 -12.69
N SER B 215 1.02 -23.64 -12.81
CA SER B 215 1.90 -23.93 -11.68
C SER B 215 2.58 -22.68 -11.14
N PHE B 216 3.34 -22.87 -10.05
CA PHE B 216 4.27 -21.87 -9.58
C PHE B 216 5.19 -21.49 -10.73
N GLN B 217 5.60 -22.49 -11.51
CA GLN B 217 6.54 -22.28 -12.61
C GLN B 217 5.90 -21.73 -13.87
N SER B 218 4.58 -21.85 -13.97
CA SER B 218 3.85 -21.22 -15.05
C SER B 218 3.96 -19.72 -14.86
N ASP B 219 3.97 -19.32 -13.59
CA ASP B 219 4.14 -17.93 -13.19
C ASP B 219 5.56 -17.45 -13.47
N VAL B 220 6.53 -18.33 -13.23
CA VAL B 220 7.93 -18.00 -13.50
C VAL B 220 8.18 -17.64 -14.97
N TYR B 221 7.44 -18.28 -15.88
CA TYR B 221 7.56 -18.03 -17.32
C TYR B 221 6.91 -16.72 -17.68
N ALA B 222 5.65 -16.52 -17.27
CA ALA B 222 4.98 -15.23 -17.45
C ALA B 222 5.94 -14.13 -17.02
N PHE B 223 6.68 -14.43 -15.94
CA PHE B 223 7.70 -13.55 -15.40
C PHE B 223 8.83 -13.32 -16.43
N GLY B 224 9.44 -14.42 -16.89
CA GLY B 224 10.45 -14.39 -17.96
C GLY B 224 10.05 -13.49 -19.12
N ILE B 225 8.80 -13.62 -19.55
CA ILE B 225 8.25 -12.74 -20.57
C ILE B 225 8.38 -11.27 -20.16
N VAL B 226 7.82 -10.88 -19.01
CA VAL B 226 8.00 -9.47 -18.59
C VAL B 226 9.47 -9.13 -18.45
N LEU B 227 10.26 -10.05 -17.88
CA LEU B 227 11.70 -9.87 -17.85
C LEU B 227 12.25 -9.47 -19.21
N TYR B 228 11.80 -10.17 -20.24
CA TYR B 228 12.15 -9.86 -21.63
C TYR B 228 11.65 -8.48 -22.03
N GLU B 229 10.37 -8.22 -21.80
CA GLU B 229 9.80 -6.93 -22.13
C GLU B 229 10.64 -5.80 -21.55
N LEU B 230 11.34 -6.07 -20.46
CA LEU B 230 12.07 -5.02 -19.75
C LEU B 230 13.40 -4.78 -20.36
N MET B 231 14.02 -5.83 -20.88
CA MET B 231 15.34 -5.68 -21.44
C MET B 231 15.31 -5.47 -22.96
N THR B 232 14.10 -5.35 -23.53
CA THR B 232 13.96 -5.18 -24.98
C THR B 232 12.87 -4.19 -25.34
N GLY B 233 12.11 -3.75 -24.35
CA GLY B 233 11.04 -2.78 -24.59
C GLY B 233 9.98 -3.26 -25.56
N GLN B 234 10.11 -4.52 -25.97
CA GLN B 234 9.28 -5.09 -27.01
C GLN B 234 8.57 -6.36 -26.52
N LEU B 235 7.32 -6.56 -26.95
CA LEU B 235 6.66 -7.87 -26.79
C LEU B 235 7.40 -8.99 -27.55
N PRO B 236 7.19 -10.27 -27.17
CA PRO B 236 7.97 -11.21 -27.97
C PRO B 236 7.29 -11.53 -29.30
N TYR B 237 8.01 -12.24 -30.18
CA TYR B 237 7.51 -12.70 -31.47
C TYR B 237 6.67 -11.62 -32.19
N SER B 238 7.26 -10.46 -32.43
CA SER B 238 6.51 -9.30 -32.93
C SER B 238 6.60 -9.19 -34.43
N ASN B 239 7.35 -10.09 -35.04
CA ASN B 239 7.45 -10.21 -36.48
C ASN B 239 6.62 -11.39 -36.99
N ILE B 240 5.57 -11.77 -36.24
CA ILE B 240 4.66 -12.83 -36.67
C ILE B 240 3.22 -12.37 -36.55
N ASN B 241 2.63 -11.99 -37.68
CA ASN B 241 1.35 -11.29 -37.69
C ASN B 241 0.13 -12.12 -37.29
N ASN B 242 0.17 -13.41 -37.57
CA ASN B 242 -0.96 -14.29 -37.24
C ASN B 242 -0.76 -14.93 -35.87
N ARG B 243 -1.76 -14.77 -35.01
CA ARG B 243 -1.62 -15.15 -33.60
C ARG B 243 -1.86 -16.63 -33.31
N ASP B 244 -2.47 -17.32 -34.25
CA ASP B 244 -2.78 -18.73 -34.08
C ASP B 244 -1.55 -19.58 -34.17
N GLN B 245 -0.74 -19.29 -35.19
CA GLN B 245 0.50 -20.03 -35.39
C GLN B 245 1.35 -19.94 -34.13
N ILE B 246 1.34 -18.77 -33.48
CA ILE B 246 2.10 -18.54 -32.26
C ILE B 246 1.75 -19.65 -31.29
N ILE B 247 0.46 -19.71 -30.98
CA ILE B 247 -0.09 -20.73 -30.10
C ILE B 247 0.48 -22.10 -30.46
N PHE B 248 0.22 -22.53 -31.68
CA PHE B 248 0.73 -23.79 -32.18
C PHE B 248 2.23 -23.94 -31.98
N MET B 249 2.99 -22.93 -32.40
CA MET B 249 4.45 -23.00 -32.48
C MET B 249 5.11 -23.07 -31.12
N VAL B 250 4.55 -22.28 -30.20
CA VAL B 250 5.03 -22.18 -28.84
C VAL B 250 4.76 -23.47 -28.08
N GLY B 251 3.51 -23.93 -28.17
CA GLY B 251 3.07 -25.18 -27.54
C GLY B 251 3.97 -26.33 -27.89
N ARG B 252 4.37 -26.39 -29.15
CA ARG B 252 5.26 -27.41 -29.63
C ARG B 252 6.70 -27.07 -29.35
N GLY B 253 6.94 -25.85 -28.87
CA GLY B 253 8.29 -25.39 -28.54
C GLY B 253 9.18 -25.34 -29.76
N TYR B 254 8.62 -24.82 -30.85
CA TYR B 254 9.37 -24.58 -32.09
C TYR B 254 9.85 -23.15 -32.04
N LEU B 255 9.22 -22.36 -31.17
CA LEU B 255 9.38 -20.93 -31.16
C LEU B 255 9.45 -20.38 -29.74
N SER B 256 10.61 -19.87 -29.37
CA SER B 256 10.82 -19.23 -28.08
C SER B 256 11.40 -17.82 -28.27
N PRO B 257 11.11 -16.88 -27.35
CA PRO B 257 11.52 -15.46 -27.46
C PRO B 257 12.96 -15.24 -27.92
N ASP B 258 13.15 -14.28 -28.82
CA ASP B 258 14.49 -14.03 -29.39
C ASP B 258 15.38 -13.29 -28.42
N LEU B 259 16.19 -14.06 -27.72
CA LEU B 259 17.02 -13.58 -26.64
C LEU B 259 18.08 -12.56 -27.04
N SER B 260 18.50 -12.57 -28.29
CA SER B 260 19.52 -11.62 -28.75
C SER B 260 19.02 -10.17 -28.75
N LYS B 261 17.71 -9.98 -28.64
CA LYS B 261 17.15 -8.63 -28.63
C LYS B 261 17.30 -7.85 -27.29
N VAL B 262 18.10 -8.39 -26.36
CA VAL B 262 18.35 -7.71 -25.09
C VAL B 262 19.36 -6.59 -25.23
N ARG B 263 18.88 -5.35 -25.15
CA ARG B 263 19.74 -4.16 -25.31
C ARG B 263 21.12 -4.33 -24.62
N SER B 264 22.16 -4.32 -25.45
CA SER B 264 23.58 -4.58 -25.09
C SER B 264 23.97 -4.51 -23.62
N ASN B 265 23.48 -3.46 -22.94
CA ASN B 265 23.77 -3.17 -21.53
C ASN B 265 22.93 -3.94 -20.51
N CYS B 266 22.33 -5.05 -20.93
CA CYS B 266 21.68 -5.96 -20.02
C CYS B 266 22.78 -6.88 -19.49
N PRO B 267 22.93 -6.95 -18.16
CA PRO B 267 23.92 -7.84 -17.55
C PRO B 267 23.81 -9.25 -18.09
N LYS B 268 24.96 -9.91 -18.26
CA LYS B 268 24.97 -11.28 -18.77
C LYS B 268 24.21 -12.22 -17.83
N ALA B 269 24.36 -11.98 -16.52
CA ALA B 269 23.64 -12.75 -15.51
C ALA B 269 22.14 -12.63 -15.69
N MET B 270 21.66 -11.40 -15.92
CA MET B 270 20.23 -11.15 -16.10
C MET B 270 19.72 -11.88 -17.32
N LYS B 271 20.55 -11.92 -18.36
CA LYS B 271 20.23 -12.60 -19.60
C LYS B 271 20.13 -14.10 -19.35
N ARG B 272 21.11 -14.64 -18.64
CA ARG B 272 21.12 -16.05 -18.25
C ARG B 272 19.94 -16.43 -17.35
N LEU B 273 19.49 -15.48 -16.53
CA LEU B 273 18.37 -15.70 -15.64
C LEU B 273 17.11 -15.69 -16.47
N MET B 274 17.05 -14.77 -17.42
CA MET B 274 15.90 -14.66 -18.29
C MET B 274 15.69 -16.02 -18.94
N ALA B 275 16.78 -16.56 -19.49
CA ALA B 275 16.78 -17.87 -20.13
C ALA B 275 16.25 -18.94 -19.18
N GLU B 276 16.97 -19.13 -18.08
CA GLU B 276 16.54 -20.03 -17.00
C GLU B 276 15.05 -19.89 -16.69
N CYS B 277 14.56 -18.65 -16.64
CA CYS B 277 13.17 -18.39 -16.32
C CYS B 277 12.21 -18.90 -17.37
N LEU B 278 12.70 -19.03 -18.60
CA LEU B 278 11.84 -19.32 -19.75
C LEU B 278 11.96 -20.74 -20.31
N LYS B 279 12.78 -21.59 -19.68
CA LYS B 279 12.97 -22.97 -20.12
C LYS B 279 11.63 -23.61 -20.44
N LYS B 280 11.58 -24.31 -21.57
CA LYS B 280 10.34 -24.93 -22.05
C LYS B 280 9.92 -26.03 -21.10
N LYS B 281 10.86 -26.93 -20.77
CA LYS B 281 10.65 -27.91 -19.72
C LYS B 281 10.42 -27.15 -18.43
N ARG B 282 9.20 -27.19 -17.90
CA ARG B 282 8.84 -26.44 -16.67
C ARG B 282 9.55 -26.88 -15.38
N ASP B 283 10.31 -27.96 -15.43
CA ASP B 283 10.97 -28.48 -14.26
C ASP B 283 12.38 -27.93 -14.13
N GLU B 284 12.81 -27.18 -15.13
CA GLU B 284 14.14 -26.58 -15.12
C GLU B 284 14.06 -25.12 -14.67
N ARG B 285 12.84 -24.66 -14.41
CA ARG B 285 12.61 -23.28 -14.00
C ARG B 285 12.94 -23.08 -12.52
N PRO B 286 13.74 -22.06 -12.21
CA PRO B 286 13.94 -21.75 -10.80
C PRO B 286 12.68 -21.09 -10.22
N LEU B 287 12.56 -21.09 -8.90
CA LEU B 287 11.45 -20.42 -8.22
C LEU B 287 11.89 -19.08 -7.64
N PHE B 288 10.92 -18.24 -7.29
CA PHE B 288 11.22 -16.86 -6.92
C PHE B 288 12.28 -16.62 -5.84
N PRO B 289 12.21 -17.36 -4.72
CA PRO B 289 13.33 -17.26 -3.79
C PRO B 289 14.69 -17.16 -4.52
N GLN B 290 15.02 -18.18 -5.33
CA GLN B 290 16.30 -18.23 -6.01
C GLN B 290 16.45 -17.15 -7.07
N ILE B 291 15.32 -16.75 -7.65
CA ILE B 291 15.31 -15.68 -8.65
C ILE B 291 15.74 -14.37 -8.01
N LEU B 292 14.98 -13.93 -7.01
CA LEU B 292 15.31 -12.78 -6.18
C LEU B 292 16.81 -12.76 -5.89
N ALA B 293 17.33 -13.86 -5.33
CA ALA B 293 18.75 -14.02 -5.05
C ALA B 293 19.63 -13.59 -6.21
N SER B 294 19.38 -14.17 -7.38
CA SER B 294 20.12 -13.85 -8.60
C SER B 294 19.94 -12.40 -9.00
N ILE B 295 18.71 -11.91 -8.92
CA ILE B 295 18.40 -10.52 -9.26
C ILE B 295 19.07 -9.56 -8.28
N GLU B 296 18.99 -9.87 -6.98
CA GLU B 296 19.58 -9.02 -5.94
C GLU B 296 21.10 -8.99 -6.04
N LEU B 297 21.70 -10.12 -6.38
CA LEU B 297 23.14 -10.21 -6.63
C LEU B 297 23.60 -9.33 -7.80
N LEU B 298 22.89 -9.43 -8.93
CA LEU B 298 23.25 -8.65 -10.12
C LEU B 298 22.93 -7.17 -9.96
N ALA B 299 22.05 -6.84 -9.01
CA ALA B 299 21.79 -5.46 -8.65
C ALA B 299 23.01 -4.88 -7.93
N ARG B 300 23.60 -5.70 -7.06
CA ARG B 300 24.74 -5.29 -6.26
C ARG B 300 26.05 -5.22 -7.04
N SER B 301 26.01 -5.58 -8.32
CA SER B 301 27.21 -5.56 -9.16
C SER B 301 27.11 -4.53 -10.31
N LEU B 302 26.45 -3.41 -10.07
CA LEU B 302 25.99 -2.57 -11.19
C LEU B 302 26.50 -1.10 -11.32
N PRO B 303 26.12 -0.17 -10.39
CA PRO B 303 26.47 1.26 -10.56
C PRO B 303 27.96 1.56 -10.42
N LYS B 304 28.62 0.85 -9.50
CA LYS B 304 30.08 0.90 -9.37
C LYS B 304 30.72 -0.02 -10.42
#